data_5ALD
#
_entry.id   5ALD
#
_cell.length_a   92.376
_cell.length_b   92.376
_cell.length_c   244.083
_cell.angle_alpha   90.00
_cell.angle_beta   90.00
_cell.angle_gamma   120.00
#
_symmetry.space_group_name_H-M   'P 65 2 2'
#
loop_
_entity.id
_entity.type
_entity.pdbx_description
1 polymer 'BIFUNCTIONAL EPOXIDE HYDROLASE 2'
2 non-polymer 'DIMETHYL SULFOXIDE'
3 non-polymer 'SULFATE ION'
4 non-polymer 5-cyclohexyl-1,3-dihydroindol-2-one
5 water water
#
_entity_poly.entity_id   1
_entity_poly.type   'polypeptide(L)'
_entity_poly.pdbx_seq_one_letter_code
;GMTLRAAVFDLDGVLALPAVFGVLGRTEEALALPRGLLNDAFQKGGPEGATTRLMKGEITLSQWIPLMEENCRKCSETAK
VCLPKNFSIKEIFDKAISARKINRPMLQAALMLRKKGFTTAILTNTWLDDRAERDGLAQLMCELKMHFDFLIESCQVGMV
KPEPQIYKFLLDTLKASPSEVVFLDDIGANLKPARDLGMVTILVQDTDTALKELEKVTGIQLLNTPAPLPTSCNPSDMSH
GYVTVKPRVRLHFVELGSGPAVCLCHGFPESWYSWRYQIPALAQAGYRVLAMDMKGYGESSAPPEIEEYCMEVLCKEMVT
FLDKLGLSQAVFIGHDWGGMLVWYMALFYPERVRAVASLNTPFIPANPNMSPLESIKANPVFDYQLYFQEPGVAEAELEQ
NLSRTFKSLFRASDESVLSMHKVCEAGGLFVNSPEEPSLSRMVTEEEIQFYVQQFKKSGFRGPLNWYRNMERNWKWACKS
LGRKILIPALMVTAEKDFVLVPQMSQHMEDWIPHLKRGHIEDCGHWTQMDKPTEVNQILIKWLDSDARN
;
_entity_poly.pdbx_strand_id   A
#
loop_
_chem_comp.id
_chem_comp.type
_chem_comp.name
_chem_comp.formula
DMS non-polymer 'DIMETHYL SULFOXIDE' 'C2 H6 O S'
FCW non-polymer 5-cyclohexyl-1,3-dihydroindol-2-one 'C14 H17 N O'
SO4 non-polymer 'SULFATE ION' 'O4 S -2'
#
# COMPACT_ATOMS: atom_id res chain seq x y z
N THR A 3 -16.44 -29.82 -5.93
CA THR A 3 -15.29 -29.08 -5.41
C THR A 3 -15.46 -27.55 -5.48
N LEU A 4 -15.18 -26.86 -4.36
CA LEU A 4 -15.32 -25.42 -4.23
C LEU A 4 -14.28 -24.66 -5.03
N ARG A 5 -14.72 -23.58 -5.70
CA ARG A 5 -13.83 -22.66 -6.41
C ARG A 5 -14.24 -21.19 -6.26
N ALA A 6 -15.28 -20.93 -5.46
CA ALA A 6 -15.79 -19.59 -5.18
C ALA A 6 -16.20 -19.38 -3.73
N ALA A 7 -15.87 -18.22 -3.15
CA ALA A 7 -16.25 -17.87 -1.78
C ALA A 7 -16.96 -16.53 -1.76
N VAL A 8 -18.14 -16.50 -1.16
CA VAL A 8 -19.00 -15.32 -1.11
C VAL A 8 -19.18 -14.87 0.34
N PHE A 9 -18.93 -13.59 0.58
CA PHE A 9 -19.01 -13.03 1.92
C PHE A 9 -20.02 -11.90 2.00
N ASP A 10 -20.71 -11.84 3.11
CA ASP A 10 -21.60 -10.72 3.38
C ASP A 10 -20.69 -9.58 3.94
N LEU A 11 -21.16 -8.34 3.93
CA LEU A 11 -20.39 -7.22 4.46
C LEU A 11 -20.64 -7.09 5.97
N ASP A 12 -21.85 -6.68 6.37
CA ASP A 12 -22.24 -6.46 7.78
C ASP A 12 -22.25 -7.76 8.59
N GLY A 13 -21.52 -7.75 9.71
CA GLY A 13 -21.36 -8.91 10.57
C GLY A 13 -20.45 -10.03 10.04
N VAL A 14 -19.86 -9.86 8.84
CA VAL A 14 -18.97 -10.86 8.24
C VAL A 14 -17.62 -10.21 7.90
N LEU A 15 -17.57 -9.30 6.90
CA LEU A 15 -16.32 -8.61 6.54
C LEU A 15 -16.09 -7.34 7.34
N ALA A 16 -17.17 -6.81 7.95
CA ALA A 16 -17.16 -5.59 8.73
C ALA A 16 -17.86 -5.77 10.10
N LEU A 17 -17.19 -5.30 11.18
CA LEU A 17 -17.64 -5.44 12.58
C LEU A 17 -17.48 -4.18 13.44
N PRO A 18 -18.36 -3.94 14.43
CA PRO A 18 -19.60 -4.70 14.75
C PRO A 18 -20.67 -4.47 13.69
N ALA A 19 -21.60 -5.44 13.54
CA ALA A 19 -22.72 -5.32 12.61
C ALA A 19 -23.52 -4.07 12.95
N VAL A 20 -23.87 -3.24 11.96
CA VAL A 20 -24.68 -2.03 12.13
C VAL A 20 -26.04 -2.43 12.72
N PHE A 21 -26.52 -3.64 12.35
CA PHE A 21 -27.75 -4.27 12.84
C PHE A 21 -27.77 -4.40 14.38
N GLY A 22 -26.64 -4.81 14.97
CA GLY A 22 -26.50 -5.00 16.41
C GLY A 22 -26.68 -3.75 17.27
N VAL A 23 -26.52 -2.56 16.64
CA VAL A 23 -26.65 -1.23 17.23
C VAL A 23 -28.11 -0.92 17.64
N LEU A 24 -29.11 -1.37 16.85
CA LEU A 24 -30.53 -1.16 17.18
C LEU A 24 -30.89 -1.82 18.53
N GLY A 25 -30.34 -3.03 18.76
CA GLY A 25 -30.47 -3.78 20.01
C GLY A 25 -29.81 -3.08 21.18
N ARG A 26 -28.62 -2.55 20.93
CA ARG A 26 -27.82 -1.76 21.86
C ARG A 26 -28.50 -0.44 22.23
N THR A 27 -29.02 0.26 21.26
CA THR A 27 -29.70 1.54 21.51
C THR A 27 -30.94 1.33 22.40
N GLU A 28 -31.72 0.26 22.12
CA GLU A 28 -32.90 -0.12 22.90
C GLU A 28 -32.48 -0.29 24.37
N GLU A 29 -31.42 -1.09 24.64
CA GLU A 29 -30.86 -1.39 25.96
C GLU A 29 -30.31 -0.16 26.67
N ALA A 30 -29.53 0.69 25.96
CA ALA A 30 -28.95 1.93 26.51
C ALA A 30 -30.07 2.90 26.89
N LEU A 31 -31.14 2.95 26.07
CA LEU A 31 -32.26 3.85 26.31
C LEU A 31 -33.44 3.23 27.07
N ALA A 32 -33.28 1.98 27.55
CA ALA A 32 -34.31 1.19 28.27
C ALA A 32 -35.65 1.16 27.50
N LEU A 33 -35.55 1.07 26.18
CA LEU A 33 -36.70 0.96 25.29
C LEU A 33 -37.16 -0.51 25.27
N PRO A 34 -38.44 -0.79 24.93
CA PRO A 34 -38.88 -2.19 24.83
C PRO A 34 -38.05 -2.97 23.83
N ARG A 35 -37.69 -4.20 24.19
CA ARG A 35 -36.87 -5.07 23.36
C ARG A 35 -37.43 -5.24 21.95
N GLY A 36 -36.53 -5.12 20.96
CA GLY A 36 -36.85 -5.22 19.55
C GLY A 36 -37.72 -4.12 18.99
N LEU A 37 -37.92 -2.98 19.72
CA LEU A 37 -38.73 -1.86 19.23
C LEU A 37 -38.08 -1.23 17.96
N LEU A 38 -36.80 -0.83 18.06
CA LEU A 38 -36.05 -0.25 16.96
C LEU A 38 -35.90 -1.20 15.79
N ASN A 39 -35.67 -2.49 16.07
CA ASN A 39 -35.55 -3.55 15.08
C ASN A 39 -36.87 -3.80 14.36
N ASP A 40 -37.99 -3.65 15.07
CA ASP A 40 -39.34 -3.84 14.53
C ASP A 40 -39.68 -2.68 13.59
N ALA A 41 -39.33 -1.44 13.97
CA ALA A 41 -39.56 -0.25 13.17
C ALA A 41 -38.67 -0.27 11.91
N PHE A 42 -37.46 -0.84 12.05
CA PHE A 42 -36.50 -1.02 10.96
C PHE A 42 -37.03 -1.97 9.87
N GLN A 43 -37.57 -3.14 10.27
CA GLN A 43 -38.09 -4.10 9.31
C GLN A 43 -39.59 -3.90 8.96
N LYS A 44 -40.22 -2.78 9.44
CA LYS A 44 -41.64 -2.48 9.20
C LYS A 44 -42.10 -2.49 7.73
N GLY A 45 -43.15 -3.27 7.45
CA GLY A 45 -43.75 -3.41 6.13
C GLY A 45 -43.10 -4.49 5.28
N GLY A 46 -42.08 -5.15 5.82
CA GLY A 46 -41.31 -6.21 5.19
C GLY A 46 -40.86 -5.87 3.77
N PRO A 47 -41.27 -6.68 2.75
CA PRO A 47 -40.85 -6.40 1.36
C PRO A 47 -41.44 -5.14 0.69
N GLU A 48 -42.40 -4.50 1.37
CA GLU A 48 -43.09 -3.30 0.88
C GLU A 48 -42.65 -2.06 1.67
N GLY A 49 -41.96 -2.29 2.78
CA GLY A 49 -41.50 -1.23 3.67
C GLY A 49 -40.36 -0.38 3.15
N ALA A 50 -40.12 0.77 3.84
CA ALA A 50 -39.08 1.76 3.54
C ALA A 50 -37.69 1.12 3.42
N THR A 51 -37.35 0.21 4.36
CA THR A 51 -36.06 -0.48 4.39
C THR A 51 -35.82 -1.29 3.12
N THR A 52 -36.87 -1.96 2.59
CA THR A 52 -36.73 -2.73 1.34
C THR A 52 -36.49 -1.83 0.14
N ARG A 53 -37.23 -0.71 0.07
CA ARG A 53 -37.11 0.33 -0.96
C ARG A 53 -35.69 0.90 -0.91
N LEU A 54 -35.18 1.15 0.29
CA LEU A 54 -33.82 1.61 0.53
C LEU A 54 -32.77 0.60 0.02
N MET A 55 -32.90 -0.69 0.42
CA MET A 55 -31.94 -1.73 0.01
C MET A 55 -32.00 -2.06 -1.49
N LYS A 56 -33.13 -1.77 -2.15
CA LYS A 56 -33.30 -2.01 -3.57
C LYS A 56 -32.81 -0.83 -4.41
N GLY A 57 -32.48 0.28 -3.75
CA GLY A 57 -31.99 1.50 -4.37
C GLY A 57 -33.09 2.44 -4.84
N GLU A 58 -34.35 2.22 -4.39
CA GLU A 58 -35.50 3.05 -4.78
C GLU A 58 -35.37 4.44 -4.23
N ILE A 59 -34.81 4.53 -3.01
CA ILE A 59 -34.61 5.77 -2.26
C ILE A 59 -33.20 5.77 -1.67
N THR A 60 -32.72 6.96 -1.30
CA THR A 60 -31.40 7.13 -0.67
C THR A 60 -31.53 7.08 0.86
N LEU A 61 -30.40 6.89 1.58
CA LEU A 61 -30.38 6.87 3.05
C LEU A 61 -30.99 8.10 3.72
N SER A 62 -30.73 9.32 3.18
CA SER A 62 -31.30 10.56 3.72
C SER A 62 -32.82 10.66 3.52
N GLN A 63 -33.36 10.04 2.46
CA GLN A 63 -34.82 9.98 2.26
C GLN A 63 -35.41 8.94 3.23
N TRP A 64 -34.63 7.91 3.57
CA TRP A 64 -35.05 6.85 4.47
C TRP A 64 -35.10 7.28 5.95
N ILE A 65 -34.15 8.11 6.42
CA ILE A 65 -34.11 8.59 7.80
C ILE A 65 -35.52 9.05 8.29
N PRO A 66 -36.22 10.00 7.63
CA PRO A 66 -37.56 10.38 8.11
C PRO A 66 -38.61 9.27 8.10
N LEU A 67 -38.54 8.33 7.15
CA LEU A 67 -39.45 7.17 7.09
C LEU A 67 -39.24 6.21 8.30
N MET A 68 -37.97 5.97 8.69
CA MET A 68 -37.59 5.17 9.85
C MET A 68 -38.10 5.80 11.16
N GLU A 69 -37.93 7.15 11.30
CA GLU A 69 -38.37 7.94 12.46
C GLU A 69 -39.89 7.78 12.66
N GLU A 70 -40.65 7.80 11.55
CA GLU A 70 -42.10 7.61 11.56
C GLU A 70 -42.45 6.18 11.97
N ASN A 71 -41.72 5.16 11.48
CA ASN A 71 -41.96 3.77 11.86
C ASN A 71 -41.70 3.57 13.36
N CYS A 72 -40.65 4.23 13.90
CA CYS A 72 -40.29 4.21 15.33
C CYS A 72 -41.42 4.78 16.16
N ARG A 73 -42.10 5.81 15.63
CA ARG A 73 -43.24 6.45 16.26
C ARG A 73 -44.44 5.49 16.36
N LYS A 74 -44.80 4.81 15.25
CA LYS A 74 -45.90 3.84 15.18
C LYS A 74 -45.68 2.65 16.13
N CYS A 75 -44.46 2.05 16.09
CA CYS A 75 -44.06 0.92 16.94
C CYS A 75 -44.11 1.28 18.41
N SER A 76 -43.72 2.50 18.68
CA SER A 76 -43.75 3.10 19.99
C SER A 76 -45.20 3.28 20.52
N GLU A 77 -46.08 3.83 19.71
CA GLU A 77 -47.48 4.04 20.03
C GLU A 77 -48.19 2.74 20.44
N THR A 78 -48.01 1.68 19.64
CA THR A 78 -48.57 0.34 19.83
C THR A 78 -48.11 -0.28 21.16
N ALA A 79 -46.81 -0.19 21.46
CA ALA A 79 -46.20 -0.73 22.67
C ALA A 79 -46.44 0.11 23.96
N LYS A 80 -47.22 1.21 23.83
CA LYS A 80 -47.58 2.14 24.93
C LYS A 80 -46.35 2.66 25.69
N VAL A 81 -45.35 3.11 24.92
CA VAL A 81 -44.07 3.64 25.37
C VAL A 81 -43.77 4.99 24.71
N CYS A 82 -42.70 5.65 25.15
CA CYS A 82 -42.30 6.94 24.63
C CYS A 82 -40.81 7.07 24.42
N LEU A 83 -40.43 7.56 23.21
CA LEU A 83 -39.04 7.82 22.77
C LEU A 83 -38.59 9.11 23.43
N PRO A 84 -37.30 9.27 23.83
CA PRO A 84 -36.92 10.49 24.59
C PRO A 84 -36.81 11.60 23.58
N LYS A 85 -36.96 12.86 24.05
CA LYS A 85 -36.94 14.19 23.38
C LYS A 85 -35.84 14.39 22.27
N ASN A 86 -34.60 13.89 22.55
CA ASN A 86 -33.35 13.98 21.74
C ASN A 86 -33.03 12.72 20.84
N PHE A 87 -34.03 11.81 20.67
CA PHE A 87 -33.93 10.60 19.84
C PHE A 87 -33.67 10.96 18.37
N SER A 88 -32.49 10.58 17.85
CA SER A 88 -32.08 10.85 16.46
C SER A 88 -31.59 9.58 15.78
N ILE A 89 -32.34 9.14 14.75
CA ILE A 89 -32.05 7.97 13.92
C ILE A 89 -30.72 8.22 13.21
N LYS A 90 -30.57 9.45 12.65
CA LYS A 90 -29.37 9.95 11.98
C LYS A 90 -28.16 9.73 12.87
N GLU A 91 -28.21 10.24 14.13
CA GLU A 91 -27.15 10.13 15.15
C GLU A 91 -26.78 8.68 15.46
N ILE A 92 -27.80 7.82 15.65
CA ILE A 92 -27.61 6.38 15.94
C ILE A 92 -26.86 5.70 14.77
N PHE A 93 -27.34 5.95 13.52
CA PHE A 93 -26.74 5.37 12.33
C PHE A 93 -25.38 5.96 11.98
N ASP A 94 -25.17 7.30 12.13
CA ASP A 94 -23.87 7.94 11.92
C ASP A 94 -22.81 7.24 12.75
N LYS A 95 -23.12 7.02 14.06
CA LYS A 95 -22.25 6.38 15.06
C LYS A 95 -21.98 4.91 14.74
N ALA A 96 -23.04 4.13 14.40
CA ALA A 96 -22.98 2.71 14.04
C ALA A 96 -22.08 2.47 12.84
N ILE A 97 -22.30 3.23 11.73
CA ILE A 97 -21.54 3.15 10.47
C ILE A 97 -20.06 3.53 10.73
N SER A 98 -19.85 4.58 11.55
CA SER A 98 -18.53 5.08 11.94
C SER A 98 -17.76 4.10 12.82
N ALA A 99 -18.46 3.28 13.63
CA ALA A 99 -17.84 2.33 14.56
C ALA A 99 -17.46 1.03 13.85
N ARG A 100 -18.10 0.77 12.70
CA ARG A 100 -17.88 -0.44 11.91
C ARG A 100 -16.57 -0.42 11.15
N LYS A 101 -15.70 -1.38 11.48
CA LYS A 101 -14.35 -1.54 10.92
C LYS A 101 -14.27 -2.89 10.21
N ILE A 102 -13.26 -3.07 9.34
CA ILE A 102 -13.00 -4.32 8.62
C ILE A 102 -12.67 -5.38 9.64
N ASN A 103 -13.21 -6.59 9.42
CA ASN A 103 -12.92 -7.76 10.22
C ASN A 103 -11.68 -8.35 9.56
N ARG A 104 -10.49 -7.89 10.00
CA ARG A 104 -9.19 -8.29 9.43
C ARG A 104 -8.99 -9.79 9.24
N PRO A 105 -9.26 -10.67 10.26
CA PRO A 105 -9.10 -12.12 10.02
C PRO A 105 -10.02 -12.69 8.91
N MET A 106 -11.25 -12.13 8.74
CA MET A 106 -12.18 -12.56 7.69
C MET A 106 -11.61 -12.13 6.31
N LEU A 107 -11.11 -10.86 6.21
CA LEU A 107 -10.44 -10.36 5.00
C LEU A 107 -9.23 -11.21 4.62
N GLN A 108 -8.40 -11.59 5.61
CA GLN A 108 -7.20 -12.43 5.43
C GLN A 108 -7.56 -13.81 4.88
N ALA A 109 -8.64 -14.43 5.42
CA ALA A 109 -9.14 -15.71 4.91
C ALA A 109 -9.56 -15.57 3.44
N ALA A 110 -10.32 -14.47 3.11
CA ALA A 110 -10.77 -14.17 1.76
C ALA A 110 -9.56 -13.98 0.83
N LEU A 111 -8.52 -13.27 1.29
CA LEU A 111 -7.27 -13.12 0.55
C LEU A 111 -6.53 -14.44 0.31
N MET A 112 -6.49 -15.30 1.32
CA MET A 112 -5.86 -16.61 1.21
C MET A 112 -6.59 -17.50 0.16
N LEU A 113 -7.93 -17.53 0.21
CA LEU A 113 -8.73 -18.30 -0.74
C LEU A 113 -8.49 -17.82 -2.16
N ARG A 114 -8.46 -16.49 -2.37
CA ARG A 114 -8.19 -15.87 -3.67
C ARG A 114 -6.78 -16.17 -4.19
N LYS A 115 -5.79 -16.22 -3.28
CA LYS A 115 -4.38 -16.53 -3.58
C LYS A 115 -4.24 -17.99 -4.05
N LYS A 116 -5.10 -18.88 -3.51
CA LYS A 116 -5.13 -20.30 -3.86
C LYS A 116 -6.03 -20.64 -5.09
N GLY A 117 -6.43 -19.61 -5.85
CA GLY A 117 -7.22 -19.78 -7.07
C GLY A 117 -8.73 -19.55 -6.99
N PHE A 118 -9.27 -19.26 -5.79
CA PHE A 118 -10.69 -19.00 -5.62
C PHE A 118 -11.14 -17.68 -6.22
N THR A 119 -12.37 -17.66 -6.76
CA THR A 119 -13.05 -16.47 -7.25
C THR A 119 -13.77 -15.99 -6.00
N THR A 120 -13.55 -14.73 -5.58
CA THR A 120 -14.18 -14.19 -4.37
C THR A 120 -15.14 -13.06 -4.67
N ALA A 121 -16.19 -12.93 -3.86
CA ALA A 121 -17.16 -11.88 -4.05
C ALA A 121 -17.73 -11.44 -2.74
N ILE A 122 -18.18 -10.19 -2.71
CA ILE A 122 -18.90 -9.63 -1.59
C ILE A 122 -20.34 -9.50 -2.09
N LEU A 123 -21.30 -10.04 -1.33
CA LEU A 123 -22.71 -9.88 -1.68
C LEU A 123 -23.36 -9.20 -0.47
N THR A 124 -23.90 -7.99 -0.67
CA THR A 124 -24.44 -7.21 0.43
C THR A 124 -25.74 -6.48 0.15
N ASN A 125 -26.56 -6.35 1.20
CA ASN A 125 -27.78 -5.57 1.26
C ASN A 125 -27.33 -4.26 1.80
N THR A 126 -27.27 -3.25 0.92
CA THR A 126 -26.78 -1.95 1.27
C THR A 126 -27.62 -0.86 0.66
N TRP A 127 -27.31 0.38 1.00
CA TRP A 127 -28.03 1.58 0.63
C TRP A 127 -27.18 2.57 -0.17
N LEU A 128 -27.84 3.56 -0.81
CA LEU A 128 -27.21 4.66 -1.52
C LEU A 128 -27.01 5.74 -0.48
N ASP A 129 -25.77 5.90 -0.01
CA ASP A 129 -25.40 6.80 1.08
C ASP A 129 -25.09 8.22 0.65
N ASP A 130 -26.02 9.14 0.95
CA ASP A 130 -25.90 10.57 0.58
C ASP A 130 -25.79 11.47 1.82
N ARG A 131 -25.39 10.89 2.95
CA ARG A 131 -25.22 11.60 4.22
C ARG A 131 -24.00 12.48 4.10
N ALA A 132 -23.96 13.61 4.82
CA ALA A 132 -22.79 14.48 4.81
C ALA A 132 -21.51 13.70 5.20
N GLU A 133 -21.62 12.62 6.02
CA GLU A 133 -20.50 11.78 6.48
C GLU A 133 -20.27 10.44 5.74
N ARG A 134 -20.84 10.34 4.51
CA ARG A 134 -20.79 9.20 3.61
C ARG A 134 -19.36 8.75 3.20
N ASP A 135 -18.38 9.67 3.22
CA ASP A 135 -16.99 9.35 2.85
C ASP A 135 -16.35 8.24 3.69
N GLY A 136 -16.72 8.18 4.97
CA GLY A 136 -16.23 7.15 5.87
C GLY A 136 -16.52 5.75 5.35
N LEU A 137 -17.77 5.50 5.01
CA LEU A 137 -18.18 4.23 4.44
C LEU A 137 -17.64 4.04 3.00
N ALA A 138 -17.49 5.14 2.21
CA ALA A 138 -16.93 5.05 0.86
C ALA A 138 -15.48 4.57 0.94
N GLN A 139 -14.71 5.09 1.93
CA GLN A 139 -13.33 4.67 2.20
C GLN A 139 -13.28 3.18 2.56
N LEU A 140 -14.24 2.70 3.40
CA LEU A 140 -14.33 1.32 3.87
C LEU A 140 -14.56 0.38 2.71
N MET A 141 -15.50 0.74 1.83
CA MET A 141 -15.82 -0.04 0.64
C MET A 141 -14.67 -0.08 -0.36
N CYS A 142 -13.91 1.04 -0.49
N CYS A 142 -13.93 1.06 -0.51
CA CYS A 142 -12.77 1.14 -1.39
CA CYS A 142 -12.79 1.18 -1.43
C CYS A 142 -11.69 0.19 -0.97
C CYS A 142 -11.66 0.26 -0.99
N GLU A 143 -11.36 0.22 0.33
CA GLU A 143 -10.33 -0.65 0.89
C GLU A 143 -10.70 -2.12 0.75
N LEU A 144 -11.95 -2.48 1.09
CA LEU A 144 -12.42 -3.86 1.01
C LEU A 144 -12.51 -4.42 -0.41
N LYS A 145 -13.22 -3.72 -1.33
CA LYS A 145 -13.52 -4.20 -2.70
C LYS A 145 -12.37 -4.62 -3.58
N MET A 146 -11.21 -3.90 -3.47
N MET A 146 -11.23 -3.90 -3.51
CA MET A 146 -9.98 -4.12 -4.24
CA MET A 146 -10.09 -4.19 -4.37
C MET A 146 -9.47 -5.56 -4.13
C MET A 146 -9.41 -5.55 -4.13
N HIS A 147 -9.75 -6.19 -2.99
CA HIS A 147 -9.31 -7.53 -2.61
C HIS A 147 -10.24 -8.65 -3.13
N PHE A 148 -11.33 -8.29 -3.83
CA PHE A 148 -12.33 -9.24 -4.33
C PHE A 148 -12.56 -9.15 -5.84
N ASP A 149 -13.03 -10.24 -6.45
CA ASP A 149 -13.32 -10.27 -7.89
C ASP A 149 -14.59 -9.54 -8.20
N PHE A 150 -15.57 -9.59 -7.29
CA PHE A 150 -16.85 -8.93 -7.48
C PHE A 150 -17.39 -8.35 -6.18
N LEU A 151 -18.11 -7.23 -6.31
CA LEU A 151 -18.85 -6.57 -5.25
C LEU A 151 -20.28 -6.44 -5.80
N ILE A 152 -21.23 -7.13 -5.18
CA ILE A 152 -22.63 -7.09 -5.61
C ILE A 152 -23.42 -6.40 -4.51
N GLU A 153 -23.97 -5.23 -4.83
CA GLU A 153 -24.70 -4.42 -3.87
C GLU A 153 -26.15 -4.38 -4.29
N SER A 154 -27.03 -4.73 -3.33
CA SER A 154 -28.47 -4.74 -3.50
C SER A 154 -29.05 -3.46 -4.16
N CYS A 155 -28.65 -2.26 -3.68
CA CYS A 155 -29.15 -0.96 -4.15
C CYS A 155 -28.75 -0.64 -5.60
N GLN A 156 -27.72 -1.33 -6.09
CA GLN A 156 -27.23 -1.20 -7.45
C GLN A 156 -27.90 -2.19 -8.39
N VAL A 157 -28.16 -3.42 -7.89
CA VAL A 157 -28.80 -4.47 -8.66
C VAL A 157 -30.35 -4.49 -8.57
N GLY A 158 -30.91 -3.67 -7.66
CA GLY A 158 -32.36 -3.55 -7.46
C GLY A 158 -33.03 -4.80 -6.92
N MET A 159 -32.23 -5.69 -6.33
CA MET A 159 -32.64 -6.98 -5.76
C MET A 159 -32.12 -7.04 -4.34
N VAL A 160 -32.77 -7.82 -3.49
CA VAL A 160 -32.38 -7.90 -2.10
C VAL A 160 -32.25 -9.34 -1.60
N LYS A 161 -31.40 -9.57 -0.59
CA LYS A 161 -31.36 -10.87 0.09
C LYS A 161 -32.55 -10.74 1.05
N PRO A 162 -33.45 -11.74 1.19
CA PRO A 162 -33.37 -13.15 0.75
C PRO A 162 -34.06 -13.56 -0.56
N GLU A 163 -34.45 -12.61 -1.44
CA GLU A 163 -35.14 -12.90 -2.72
C GLU A 163 -34.31 -13.84 -3.56
N PRO A 164 -34.91 -14.91 -4.13
CA PRO A 164 -34.10 -15.89 -4.88
C PRO A 164 -33.32 -15.37 -6.09
N GLN A 165 -33.81 -14.29 -6.74
CA GLN A 165 -33.20 -13.69 -7.93
C GLN A 165 -31.76 -13.19 -7.74
N ILE A 166 -31.45 -12.57 -6.56
CA ILE A 166 -30.09 -12.10 -6.23
C ILE A 166 -29.08 -13.27 -6.20
N TYR A 167 -29.55 -14.48 -5.80
CA TYR A 167 -28.71 -15.69 -5.73
C TYR A 167 -28.39 -16.20 -7.11
N LYS A 168 -29.41 -16.18 -8.00
CA LYS A 168 -29.25 -16.56 -9.40
C LYS A 168 -28.34 -15.54 -10.10
N PHE A 169 -28.46 -14.23 -9.74
CA PHE A 169 -27.61 -13.13 -10.24
C PHE A 169 -26.14 -13.38 -9.83
N LEU A 170 -25.92 -13.74 -8.56
CA LEU A 170 -24.60 -14.07 -8.00
C LEU A 170 -23.95 -15.23 -8.76
N LEU A 171 -24.70 -16.33 -8.96
CA LEU A 171 -24.21 -17.51 -9.67
C LEU A 171 -23.78 -17.22 -11.08
N ASP A 172 -24.54 -16.33 -11.77
CA ASP A 172 -24.22 -15.90 -13.12
C ASP A 172 -22.97 -15.04 -13.16
N THR A 173 -22.79 -14.15 -12.15
CA THR A 173 -21.61 -13.29 -12.01
C THR A 173 -20.36 -14.15 -11.78
N LEU A 174 -20.48 -15.17 -10.90
CA LEU A 174 -19.38 -16.08 -10.57
C LEU A 174 -19.05 -17.08 -11.69
N LYS A 175 -20.02 -17.32 -12.62
CA LYS A 175 -19.94 -18.32 -13.71
C LYS A 175 -19.60 -19.67 -13.05
N ALA A 176 -20.37 -19.99 -11.99
CA ALA A 176 -20.18 -21.16 -11.16
C ALA A 176 -21.48 -21.78 -10.77
N SER A 177 -21.50 -23.12 -10.68
CA SER A 177 -22.68 -23.86 -10.26
C SER A 177 -22.80 -23.74 -8.74
N PRO A 178 -24.00 -23.78 -8.15
CA PRO A 178 -24.12 -23.59 -6.70
C PRO A 178 -23.25 -24.46 -5.81
N SER A 179 -22.90 -25.68 -6.26
CA SER A 179 -22.10 -26.59 -5.45
C SER A 179 -20.61 -26.23 -5.41
N GLU A 180 -20.17 -25.32 -6.29
CA GLU A 180 -18.79 -24.78 -6.37
C GLU A 180 -18.63 -23.54 -5.44
N VAL A 181 -19.71 -23.11 -4.74
CA VAL A 181 -19.73 -21.89 -3.94
C VAL A 181 -19.93 -22.12 -2.45
N VAL A 182 -19.09 -21.43 -1.63
CA VAL A 182 -19.24 -21.34 -0.20
C VAL A 182 -19.76 -19.92 0.08
N PHE A 183 -20.81 -19.80 0.89
CA PHE A 183 -21.50 -18.56 1.17
C PHE A 183 -21.56 -18.29 2.69
N LEU A 184 -20.96 -17.18 3.14
CA LEU A 184 -20.89 -16.77 4.55
C LEU A 184 -21.77 -15.58 4.80
N ASP A 185 -22.70 -15.71 5.75
CA ASP A 185 -23.68 -14.69 6.13
C ASP A 185 -23.99 -14.80 7.62
N ASP A 186 -24.26 -13.67 8.29
CA ASP A 186 -24.58 -13.65 9.71
C ASP A 186 -26.10 -13.75 9.98
N ILE A 187 -26.92 -13.78 8.90
CA ILE A 187 -28.38 -13.84 8.94
C ILE A 187 -28.82 -15.15 8.33
N GLY A 188 -29.33 -16.04 9.19
CA GLY A 188 -29.84 -17.37 8.84
C GLY A 188 -30.82 -17.36 7.69
N ALA A 189 -31.75 -16.39 7.70
CA ALA A 189 -32.76 -16.18 6.66
C ALA A 189 -32.12 -15.94 5.28
N ASN A 190 -30.96 -15.24 5.26
CA ASN A 190 -30.23 -14.97 4.02
C ASN A 190 -29.37 -16.10 3.53
N LEU A 191 -29.07 -17.08 4.40
CA LEU A 191 -28.30 -18.29 4.07
C LEU A 191 -29.18 -19.28 3.35
N LYS A 192 -30.44 -19.45 3.84
CA LYS A 192 -31.44 -20.39 3.33
C LYS A 192 -31.48 -20.54 1.82
N PRO A 193 -31.66 -19.46 1.01
CA PRO A 193 -31.81 -19.65 -0.44
C PRO A 193 -30.58 -20.19 -1.11
N ALA A 194 -29.39 -19.86 -0.60
CA ALA A 194 -28.13 -20.35 -1.11
C ALA A 194 -28.02 -21.83 -0.79
N ARG A 195 -28.38 -22.24 0.45
CA ARG A 195 -28.42 -23.66 0.89
C ARG A 195 -29.40 -24.41 -0.03
N ASP A 196 -30.61 -23.88 -0.20
CA ASP A 196 -31.67 -24.37 -1.09
C ASP A 196 -31.21 -24.64 -2.54
N LEU A 197 -30.24 -23.85 -3.06
CA LEU A 197 -29.70 -24.02 -4.41
C LEU A 197 -28.60 -25.09 -4.44
N GLY A 198 -28.04 -25.42 -3.28
CA GLY A 198 -26.98 -26.41 -3.14
C GLY A 198 -25.61 -25.83 -2.80
N MET A 199 -25.57 -24.54 -2.37
CA MET A 199 -24.33 -23.87 -1.96
C MET A 199 -23.96 -24.27 -0.53
N VAL A 200 -22.64 -24.35 -0.26
CA VAL A 200 -22.11 -24.56 1.09
C VAL A 200 -22.34 -23.23 1.82
N THR A 201 -22.98 -23.29 2.96
CA THR A 201 -23.28 -22.07 3.70
C THR A 201 -22.66 -22.11 5.08
N ILE A 202 -22.26 -20.94 5.57
CA ILE A 202 -21.67 -20.80 6.88
C ILE A 202 -22.37 -19.68 7.61
N LEU A 203 -23.03 -20.03 8.73
CA LEU A 203 -23.67 -19.04 9.58
C LEU A 203 -22.56 -18.46 10.42
N VAL A 204 -22.33 -17.15 10.27
CA VAL A 204 -21.24 -16.46 10.92
C VAL A 204 -21.75 -15.77 12.15
N GLN A 205 -21.31 -16.27 13.33
CA GLN A 205 -21.58 -15.66 14.62
C GLN A 205 -20.20 -15.11 15.01
N ASP A 206 -19.38 -15.89 15.71
CA ASP A 206 -17.99 -15.47 15.99
C ASP A 206 -17.18 -15.85 14.75
N THR A 207 -16.25 -14.98 14.37
CA THR A 207 -15.37 -15.16 13.21
C THR A 207 -14.61 -16.48 13.25
N ASP A 208 -14.00 -16.77 14.40
CA ASP A 208 -13.17 -17.95 14.62
C ASP A 208 -13.82 -19.26 14.23
N THR A 209 -15.03 -19.51 14.70
CA THR A 209 -15.78 -20.73 14.37
C THR A 209 -16.14 -20.77 12.87
N ALA A 210 -16.55 -19.60 12.31
CA ALA A 210 -16.86 -19.47 10.87
C ALA A 210 -15.65 -19.85 10.03
N LEU A 211 -14.44 -19.41 10.46
CA LEU A 211 -13.20 -19.72 9.76
C LEU A 211 -12.76 -21.18 9.88
N LYS A 212 -13.13 -21.87 11.01
CA LYS A 212 -12.83 -23.30 11.22
C LYS A 212 -13.70 -24.07 10.25
N GLU A 213 -15.01 -23.68 10.15
CA GLU A 213 -16.00 -24.24 9.20
C GLU A 213 -15.51 -23.99 7.77
N LEU A 214 -15.04 -22.76 7.49
CA LEU A 214 -14.51 -22.39 6.18
C LEU A 214 -13.27 -23.18 5.81
N GLU A 215 -12.35 -23.44 6.75
CA GLU A 215 -11.16 -24.24 6.37
C GLU A 215 -11.42 -25.74 6.24
N LYS A 216 -12.42 -26.23 6.98
CA LYS A 216 -12.87 -27.62 6.95
C LYS A 216 -13.44 -27.95 5.55
N VAL A 217 -14.25 -27.04 5.00
CA VAL A 217 -14.85 -27.25 3.68
C VAL A 217 -13.97 -26.93 2.48
N THR A 218 -12.99 -26.03 2.63
CA THR A 218 -12.10 -25.69 1.51
C THR A 218 -10.84 -26.56 1.49
N GLY A 219 -10.44 -27.08 2.66
CA GLY A 219 -9.23 -27.87 2.79
C GLY A 219 -7.96 -27.03 2.69
N ILE A 220 -8.12 -25.70 2.86
CA ILE A 220 -7.07 -24.68 2.85
C ILE A 220 -6.97 -24.09 4.26
N GLN A 221 -5.74 -23.96 4.79
CA GLN A 221 -5.50 -23.40 6.12
C GLN A 221 -5.74 -21.88 6.11
N LEU A 222 -6.62 -21.40 6.98
CA LEU A 222 -7.00 -19.99 7.04
C LEU A 222 -6.79 -19.43 8.42
N LEU A 223 -6.93 -20.29 9.43
CA LEU A 223 -6.73 -19.94 10.83
C LEU A 223 -5.30 -20.29 11.20
N ASN A 224 -4.69 -19.51 12.09
CA ASN A 224 -3.34 -19.77 12.61
C ASN A 224 -2.22 -19.72 11.54
N THR A 225 -2.46 -19.10 10.39
CA THR A 225 -1.46 -19.03 9.32
C THR A 225 -0.43 -17.93 9.62
N PRO A 226 0.78 -17.99 9.03
CA PRO A 226 1.78 -16.93 9.26
C PRO A 226 1.29 -15.52 8.92
N ALA A 227 1.90 -14.50 9.54
CA ALA A 227 1.54 -13.10 9.29
C ALA A 227 1.66 -12.79 7.78
N PRO A 228 0.62 -12.24 7.15
CA PRO A 228 0.71 -12.03 5.69
C PRO A 228 1.50 -10.78 5.31
N LEU A 229 2.07 -10.81 4.11
CA LEU A 229 2.83 -9.67 3.58
C LEU A 229 1.84 -8.53 3.30
N PRO A 230 2.27 -7.24 3.33
CA PRO A 230 1.33 -6.15 2.98
C PRO A 230 0.81 -6.29 1.56
N THR A 231 -0.28 -5.61 1.22
CA THR A 231 -0.82 -5.61 -0.17
C THR A 231 0.27 -5.07 -1.13
N SER A 232 0.42 -5.69 -2.29
CA SER A 232 1.41 -5.30 -3.28
C SER A 232 0.72 -4.55 -4.45
N CYS A 233 1.45 -4.26 -5.55
CA CYS A 233 0.87 -3.53 -6.69
C CYS A 233 0.86 -4.38 -7.91
N ASN A 234 -0.24 -4.39 -8.65
CA ASN A 234 -0.24 -5.00 -10.00
C ASN A 234 0.02 -3.79 -10.96
N PRO A 235 1.20 -3.71 -11.62
CA PRO A 235 1.50 -2.56 -12.50
C PRO A 235 0.41 -2.07 -13.45
N SER A 236 -0.37 -2.99 -14.05
CA SER A 236 -1.43 -2.67 -15.02
C SER A 236 -2.69 -2.09 -14.38
N ASP A 237 -2.79 -2.16 -13.04
CA ASP A 237 -3.93 -1.64 -12.28
C ASP A 237 -3.65 -0.27 -11.64
N MET A 238 -2.49 0.32 -11.93
CA MET A 238 -2.13 1.60 -11.33
C MET A 238 -2.40 2.75 -12.29
N SER A 239 -2.51 3.96 -11.72
CA SER A 239 -2.57 5.22 -12.45
C SER A 239 -1.10 5.55 -12.71
N HIS A 240 -0.72 5.72 -13.99
CA HIS A 240 0.63 6.04 -14.47
C HIS A 240 0.65 7.48 -14.91
N GLY A 241 1.56 8.26 -14.32
CA GLY A 241 1.75 9.66 -14.61
C GLY A 241 3.05 9.94 -15.34
N TYR A 242 3.01 10.98 -16.22
CA TYR A 242 4.15 11.39 -17.05
C TYR A 242 4.27 12.92 -17.11
N VAL A 243 5.41 13.42 -16.65
CA VAL A 243 5.70 14.85 -16.60
C VAL A 243 6.99 15.13 -17.39
N THR A 244 6.94 16.06 -18.34
CA THR A 244 8.15 16.50 -19.06
C THR A 244 8.79 17.63 -18.20
N VAL A 245 10.00 17.40 -17.69
CA VAL A 245 10.71 18.37 -16.83
C VAL A 245 11.68 19.28 -17.60
N LYS A 246 12.03 18.87 -18.81
N LYS A 246 12.13 18.80 -18.78
CA LYS A 246 12.84 19.62 -19.77
CA LYS A 246 13.10 19.37 -19.72
C LYS A 246 12.69 18.94 -21.16
C LYS A 246 12.74 18.88 -21.15
N PRO A 247 13.05 19.62 -22.27
CA PRO A 247 12.76 19.06 -23.62
C PRO A 247 13.05 17.59 -23.91
N ARG A 248 14.13 17.06 -23.36
CA ARG A 248 14.48 15.65 -23.61
C ARG A 248 14.23 14.71 -22.40
N VAL A 249 13.69 15.26 -21.29
CA VAL A 249 13.46 14.52 -20.05
C VAL A 249 12.02 14.46 -19.60
N ARG A 250 11.51 13.26 -19.56
CA ARG A 250 10.18 12.98 -19.05
C ARG A 250 10.30 12.05 -17.82
N LEU A 251 9.57 12.36 -16.74
CA LEU A 251 9.58 11.51 -15.54
C LEU A 251 8.26 10.74 -15.40
N HIS A 252 8.40 9.45 -15.11
CA HIS A 252 7.28 8.54 -14.91
C HIS A 252 7.08 8.28 -13.42
N PHE A 253 5.81 8.16 -13.02
CA PHE A 253 5.44 7.84 -11.66
C PHE A 253 4.13 7.08 -11.63
N VAL A 254 3.94 6.36 -10.53
CA VAL A 254 2.73 5.64 -10.19
C VAL A 254 2.10 6.46 -9.05
N GLU A 255 0.77 6.61 -9.10
CA GLU A 255 0.04 7.46 -8.17
C GLU A 255 -1.17 6.76 -7.52
N LEU A 256 -1.21 6.78 -6.20
CA LEU A 256 -2.30 6.19 -5.41
C LEU A 256 -2.57 7.00 -4.13
N GLY A 257 -3.86 7.26 -3.87
CA GLY A 257 -4.31 7.93 -2.67
C GLY A 257 -4.57 9.42 -2.76
N SER A 258 -5.16 9.94 -1.70
CA SER A 258 -5.45 11.37 -1.49
C SER A 258 -4.83 11.75 -0.17
N GLY A 259 -4.51 13.03 -0.02
CA GLY A 259 -3.88 13.55 1.18
C GLY A 259 -2.55 14.21 0.86
N PRO A 260 -1.66 14.41 1.86
CA PRO A 260 -0.37 15.05 1.56
C PRO A 260 0.47 14.20 0.61
N ALA A 261 1.13 14.86 -0.36
CA ALA A 261 1.93 14.17 -1.38
C ALA A 261 3.18 13.56 -0.75
N VAL A 262 3.37 12.26 -0.98
CA VAL A 262 4.52 11.52 -0.51
C VAL A 262 5.23 11.01 -1.76
N CYS A 263 6.40 11.57 -2.01
CA CYS A 263 7.20 11.22 -3.17
C CYS A 263 8.28 10.18 -2.83
N LEU A 264 8.17 8.97 -3.40
CA LEU A 264 9.06 7.82 -3.19
C LEU A 264 10.15 7.73 -4.23
N CYS A 265 11.40 7.72 -3.77
CA CYS A 265 12.63 7.76 -4.59
C CYS A 265 13.50 6.53 -4.37
N HIS A 266 13.48 5.60 -5.34
CA HIS A 266 14.21 4.35 -5.30
C HIS A 266 15.72 4.52 -5.48
N GLY A 267 16.45 3.44 -5.18
CA GLY A 267 17.90 3.41 -5.37
C GLY A 267 18.32 2.62 -6.60
N PHE A 268 19.60 2.26 -6.63
CA PHE A 268 20.21 1.54 -7.72
C PHE A 268 20.27 0.03 -7.51
N PRO A 269 19.89 -0.83 -8.51
CA PRO A 269 19.32 -0.54 -9.84
C PRO A 269 17.82 -0.89 -9.76
N GLU A 270 17.01 0.08 -9.37
CA GLU A 270 15.62 -0.21 -9.06
C GLU A 270 14.50 0.33 -9.96
N SER A 271 13.33 0.63 -9.37
CA SER A 271 12.11 0.96 -10.09
C SER A 271 11.12 1.58 -9.11
N TRP A 272 10.03 2.18 -9.61
CA TRP A 272 8.91 2.60 -8.76
C TRP A 272 8.41 1.35 -7.98
N TYR A 273 8.47 0.17 -8.66
CA TYR A 273 8.02 -1.16 -8.18
C TYR A 273 8.75 -1.67 -6.94
N SER A 274 9.93 -1.10 -6.63
CA SER A 274 10.66 -1.41 -5.40
C SER A 274 9.84 -0.98 -4.16
N TRP A 275 8.88 -0.02 -4.34
CA TRP A 275 7.96 0.49 -3.32
C TRP A 275 6.59 -0.23 -3.34
N ARG A 276 6.45 -1.33 -4.12
CA ARG A 276 5.17 -2.05 -4.26
C ARG A 276 4.42 -2.35 -2.94
N TYR A 277 5.12 -2.72 -1.86
CA TYR A 277 4.51 -3.03 -0.57
C TYR A 277 4.21 -1.76 0.27
N GLN A 278 4.78 -0.60 -0.08
CA GLN A 278 4.53 0.66 0.64
C GLN A 278 3.39 1.46 0.00
N ILE A 279 3.28 1.46 -1.37
CA ILE A 279 2.26 2.24 -2.08
C ILE A 279 0.83 2.01 -1.53
N PRO A 280 0.24 0.78 -1.55
CA PRO A 280 -1.12 0.61 -0.98
C PRO A 280 -1.22 0.97 0.52
N ALA A 281 -0.23 0.58 1.36
CA ALA A 281 -0.22 0.95 2.79
C ALA A 281 -0.23 2.47 3.06
N LEU A 282 0.65 3.27 2.36
CA LEU A 282 0.72 4.73 2.58
C LEU A 282 -0.53 5.45 2.09
N ALA A 283 -1.11 5.00 0.95
CA ALA A 283 -2.38 5.53 0.42
C ALA A 283 -3.49 5.23 1.43
N GLN A 284 -3.56 3.97 1.92
CA GLN A 284 -4.56 3.59 2.95
C GLN A 284 -4.38 4.40 4.24
N ALA A 285 -3.13 4.78 4.59
CA ALA A 285 -2.86 5.60 5.78
C ALA A 285 -3.21 7.11 5.62
N GLY A 286 -3.76 7.50 4.46
CA GLY A 286 -4.21 8.87 4.22
C GLY A 286 -3.27 9.78 3.45
N TYR A 287 -2.43 9.21 2.58
CA TYR A 287 -1.46 9.97 1.79
C TYR A 287 -1.62 9.80 0.30
N ARG A 288 -1.18 10.82 -0.46
CA ARG A 288 -1.16 10.78 -1.91
C ARG A 288 0.25 10.33 -2.27
N VAL A 289 0.38 9.08 -2.69
CA VAL A 289 1.68 8.51 -3.02
C VAL A 289 2.10 8.75 -4.49
N LEU A 290 3.33 9.22 -4.69
CA LEU A 290 3.90 9.40 -6.01
C LEU A 290 5.16 8.53 -6.05
N ALA A 291 5.06 7.29 -6.57
CA ALA A 291 6.24 6.42 -6.64
C ALA A 291 6.93 6.61 -7.97
N MET A 292 8.09 7.22 -7.92
CA MET A 292 8.88 7.57 -9.12
C MET A 292 9.62 6.44 -9.77
N ASP A 293 9.83 6.56 -11.09
CA ASP A 293 10.86 5.89 -11.86
C ASP A 293 11.84 7.07 -11.90
N MET A 294 13.00 6.93 -11.28
CA MET A 294 13.98 8.01 -11.25
C MET A 294 14.62 8.14 -12.64
N LYS A 295 15.18 9.31 -12.96
CA LYS A 295 15.84 9.54 -14.24
C LYS A 295 16.84 8.37 -14.53
N GLY A 296 16.67 7.75 -15.70
CA GLY A 296 17.48 6.64 -16.17
C GLY A 296 16.83 5.29 -16.06
N TYR A 297 15.62 5.26 -15.48
CA TYR A 297 14.90 4.06 -15.13
C TYR A 297 13.51 3.94 -15.70
N GLY A 298 13.13 2.69 -16.00
CA GLY A 298 11.83 2.29 -16.49
C GLY A 298 11.29 3.17 -17.59
N GLU A 299 10.10 3.79 -17.35
CA GLU A 299 9.45 4.65 -18.33
C GLU A 299 9.90 6.12 -18.30
N SER A 300 10.88 6.43 -17.45
CA SER A 300 11.47 7.79 -17.36
C SER A 300 12.56 7.86 -18.40
N SER A 301 12.88 9.07 -18.84
CA SER A 301 13.92 9.25 -19.85
C SER A 301 15.27 8.81 -19.27
N ALA A 302 16.18 8.36 -20.15
CA ALA A 302 17.52 7.92 -19.82
C ALA A 302 18.55 8.53 -20.77
N PRO A 303 18.86 9.85 -20.67
CA PRO A 303 19.89 10.43 -21.55
C PRO A 303 21.28 9.81 -21.33
N PRO A 304 22.17 9.78 -22.35
CA PRO A 304 23.45 9.06 -22.16
C PRO A 304 24.52 9.78 -21.34
N GLU A 305 24.55 11.12 -21.40
CA GLU A 305 25.56 11.99 -20.79
C GLU A 305 25.64 11.81 -19.30
N ILE A 306 26.86 11.65 -18.77
CA ILE A 306 27.15 11.48 -17.35
C ILE A 306 26.59 12.61 -16.48
N GLU A 307 26.83 13.88 -16.88
CA GLU A 307 26.45 15.14 -16.21
C GLU A 307 24.94 15.29 -15.96
N GLU A 308 24.12 14.56 -16.74
CA GLU A 308 22.67 14.55 -16.64
C GLU A 308 22.21 13.88 -15.30
N TYR A 309 23.14 13.21 -14.63
CA TYR A 309 22.88 12.44 -13.42
C TYR A 309 23.56 12.94 -12.16
N CYS A 310 24.17 14.14 -12.22
CA CYS A 310 24.74 14.75 -11.01
C CYS A 310 23.57 15.18 -10.10
N MET A 311 23.79 15.25 -8.77
CA MET A 311 22.75 15.56 -7.78
C MET A 311 22.02 16.89 -8.02
N GLU A 312 22.78 17.96 -8.42
CA GLU A 312 22.25 19.30 -8.72
C GLU A 312 21.18 19.27 -9.80
N VAL A 313 21.43 18.53 -10.91
CA VAL A 313 20.54 18.37 -12.05
C VAL A 313 19.32 17.55 -11.66
N LEU A 314 19.55 16.44 -10.95
CA LEU A 314 18.49 15.53 -10.51
C LEU A 314 17.52 16.23 -9.57
N CYS A 315 18.05 17.02 -8.61
CA CYS A 315 17.23 17.78 -7.64
C CYS A 315 16.42 18.86 -8.30
N LYS A 316 17.01 19.62 -9.25
CA LYS A 316 16.36 20.67 -10.05
C LYS A 316 15.20 20.07 -10.83
N GLU A 317 15.43 18.94 -11.48
CA GLU A 317 14.34 18.28 -12.23
C GLU A 317 13.18 17.84 -11.33
N MET A 318 13.47 17.41 -10.08
CA MET A 318 12.46 16.97 -9.10
C MET A 318 11.66 18.18 -8.60
N VAL A 319 12.30 19.36 -8.51
CA VAL A 319 11.69 20.64 -8.18
C VAL A 319 10.70 21.01 -9.35
N THR A 320 11.16 20.89 -10.60
CA THR A 320 10.35 21.13 -11.81
C THR A 320 9.16 20.16 -11.83
N PHE A 321 9.40 18.88 -11.45
CA PHE A 321 8.37 17.83 -11.36
C PHE A 321 7.22 18.32 -10.47
N LEU A 322 7.55 18.86 -9.27
CA LEU A 322 6.59 19.47 -8.33
C LEU A 322 5.87 20.68 -8.95
N ASP A 323 6.61 21.59 -9.59
CA ASP A 323 6.11 22.79 -10.29
C ASP A 323 5.04 22.37 -11.29
N LYS A 324 5.40 21.40 -12.17
CA LYS A 324 4.49 20.96 -13.20
C LYS A 324 3.23 20.24 -12.72
N LEU A 325 3.29 19.61 -11.53
CA LEU A 325 2.13 18.95 -10.92
C LEU A 325 1.29 19.92 -10.08
N GLY A 326 1.80 21.13 -9.84
CA GLY A 326 1.16 22.14 -8.99
C GLY A 326 1.30 21.82 -7.51
N LEU A 327 2.44 21.21 -7.12
CA LEU A 327 2.66 20.85 -5.71
C LEU A 327 3.67 21.79 -5.13
N SER A 328 3.27 22.51 -4.09
CA SER A 328 4.19 23.44 -3.45
C SER A 328 5.20 22.63 -2.61
N GLN A 329 4.78 21.45 -2.11
CA GLN A 329 5.64 20.55 -1.32
C GLN A 329 5.26 19.10 -1.52
N ALA A 330 6.19 18.22 -1.11
CA ALA A 330 5.95 16.79 -1.01
C ALA A 330 6.83 16.29 0.10
N VAL A 331 6.41 15.20 0.74
CA VAL A 331 7.32 14.54 1.66
C VAL A 331 8.23 13.67 0.77
N PHE A 332 9.54 13.73 1.01
CA PHE A 332 10.48 12.99 0.20
C PHE A 332 11.04 11.83 0.99
N ILE A 333 10.80 10.61 0.49
CA ILE A 333 11.26 9.34 1.07
C ILE A 333 12.10 8.62 0.03
N GLY A 334 13.36 8.41 0.37
CA GLY A 334 14.33 7.78 -0.49
C GLY A 334 15.01 6.54 0.07
N HIS A 335 15.59 5.72 -0.82
CA HIS A 335 16.35 4.49 -0.47
C HIS A 335 17.59 4.43 -1.34
N ASP A 336 18.77 4.16 -0.73
CA ASP A 336 20.05 4.03 -1.44
C ASP A 336 20.34 5.36 -2.19
N TRP A 337 20.44 5.35 -3.53
CA TRP A 337 20.64 6.60 -4.29
C TRP A 337 19.53 7.62 -4.13
N GLY A 338 18.28 7.17 -3.99
CA GLY A 338 17.13 8.02 -3.72
C GLY A 338 17.22 8.65 -2.33
N GLY A 339 17.83 7.91 -1.38
CA GLY A 339 18.06 8.41 -0.03
C GLY A 339 19.04 9.56 -0.03
N MET A 340 20.09 9.47 -0.87
CA MET A 340 21.09 10.53 -1.03
C MET A 340 20.44 11.79 -1.64
N LEU A 341 19.60 11.61 -2.66
CA LEU A 341 18.85 12.67 -3.36
C LEU A 341 17.93 13.42 -2.37
N VAL A 342 17.20 12.69 -1.47
CA VAL A 342 16.26 13.28 -0.53
C VAL A 342 16.97 14.16 0.51
N TRP A 343 18.16 13.75 1.03
CA TRP A 343 18.91 14.61 1.94
C TRP A 343 19.36 15.89 1.24
N TYR A 344 19.70 15.82 -0.05
CA TYR A 344 20.10 17.01 -0.81
C TYR A 344 18.92 17.91 -1.18
N MET A 345 17.73 17.30 -1.36
CA MET A 345 16.46 18.02 -1.60
C MET A 345 16.17 18.86 -0.34
N ALA A 346 16.37 18.28 0.85
CA ALA A 346 16.18 18.95 2.13
C ALA A 346 17.18 20.12 2.36
N LEU A 347 18.46 19.94 1.96
CA LEU A 347 19.53 20.95 2.10
C LEU A 347 19.41 22.14 1.16
N PHE A 348 19.01 21.87 -0.08
CA PHE A 348 18.96 22.90 -1.14
C PHE A 348 17.59 23.45 -1.43
N TYR A 349 16.55 22.66 -1.14
CA TYR A 349 15.16 23.09 -1.38
C TYR A 349 14.26 22.80 -0.15
N PRO A 350 14.58 23.29 1.07
CA PRO A 350 13.69 23.03 2.23
C PRO A 350 12.23 23.48 2.10
N GLU A 351 11.97 24.54 1.32
CA GLU A 351 10.61 25.06 1.14
C GLU A 351 9.67 24.12 0.37
N ARG A 352 10.25 23.20 -0.39
CA ARG A 352 9.58 22.21 -1.24
C ARG A 352 9.49 20.86 -0.59
N VAL A 353 10.18 20.70 0.53
CA VAL A 353 10.22 19.43 1.26
C VAL A 353 9.45 19.60 2.54
N ARG A 354 8.28 18.93 2.64
N ARG A 354 8.27 18.95 2.61
CA ARG A 354 7.41 18.92 3.82
CA ARG A 354 7.41 18.92 3.79
C ARG A 354 8.13 18.15 4.94
C ARG A 354 8.12 18.15 4.93
N ALA A 355 8.69 17.00 4.61
CA ALA A 355 9.44 16.17 5.52
C ALA A 355 10.38 15.31 4.67
N VAL A 356 11.45 14.81 5.28
CA VAL A 356 12.42 13.98 4.61
C VAL A 356 12.66 12.68 5.37
N ALA A 357 12.62 11.54 4.67
CA ALA A 357 12.97 10.24 5.26
C ALA A 357 13.91 9.45 4.36
N SER A 358 14.88 8.75 4.96
CA SER A 358 15.78 7.86 4.23
C SER A 358 15.87 6.46 4.86
N LEU A 359 15.89 5.47 3.98
CA LEU A 359 16.07 4.06 4.31
C LEU A 359 17.50 3.76 3.91
N ASN A 360 18.28 3.26 4.91
CA ASN A 360 19.68 2.84 4.81
C ASN A 360 20.68 3.95 4.58
N THR A 361 20.38 4.88 3.65
CA THR A 361 21.31 5.95 3.29
C THR A 361 21.42 6.98 4.36
N PRO A 362 22.62 7.13 4.99
CA PRO A 362 22.78 8.17 6.00
C PRO A 362 23.11 9.51 5.35
N PHE A 363 23.00 10.59 6.12
CA PHE A 363 23.45 11.88 5.64
C PHE A 363 24.89 12.05 6.13
N ILE A 364 25.86 12.10 5.22
CA ILE A 364 27.26 12.39 5.62
C ILE A 364 27.72 13.63 4.85
N PRO A 365 28.10 14.71 5.54
CA PRO A 365 28.52 15.93 4.83
C PRO A 365 29.85 15.75 4.13
N ALA A 366 29.99 16.37 2.94
CA ALA A 366 31.20 16.33 2.15
C ALA A 366 32.40 16.79 2.98
N ASN A 367 33.53 16.12 2.81
CA ASN A 367 34.76 16.54 3.48
C ASN A 367 35.46 17.49 2.49
N PRO A 368 35.57 18.79 2.81
CA PRO A 368 36.23 19.72 1.88
C PRO A 368 37.73 19.47 1.69
N ASN A 369 38.38 18.72 2.62
CA ASN A 369 39.83 18.44 2.60
C ASN A 369 40.20 17.07 2.02
N MET A 370 39.21 16.35 1.51
CA MET A 370 39.43 15.03 0.94
C MET A 370 38.66 14.88 -0.35
N SER A 371 39.31 14.34 -1.38
CA SER A 371 38.67 14.08 -2.66
C SER A 371 37.59 13.01 -2.41
N PRO A 372 36.39 13.12 -3.03
CA PRO A 372 35.35 12.10 -2.79
C PRO A 372 35.80 10.68 -3.15
N LEU A 373 36.72 10.60 -4.15
CA LEU A 373 37.38 9.41 -4.69
C LEU A 373 38.27 8.79 -3.60
N GLU A 374 39.14 9.61 -2.95
CA GLU A 374 40.01 9.20 -1.84
C GLU A 374 39.19 8.47 -0.76
N SER A 375 38.07 9.09 -0.35
CA SER A 375 37.11 8.64 0.65
C SER A 375 36.55 7.24 0.34
N ILE A 376 36.02 7.04 -0.91
CA ILE A 376 35.45 5.77 -1.39
C ILE A 376 36.47 4.63 -1.34
N LYS A 377 37.72 4.92 -1.77
CA LYS A 377 38.83 3.95 -1.78
C LYS A 377 39.20 3.42 -0.38
N ALA A 378 39.15 4.30 0.67
CA ALA A 378 39.48 4.00 2.07
C ALA A 378 38.66 2.84 2.65
N ASN A 379 37.38 2.74 2.26
CA ASN A 379 36.46 1.70 2.73
C ASN A 379 36.32 0.55 1.70
N PRO A 380 36.88 -0.66 2.00
CA PRO A 380 36.77 -1.80 1.07
C PRO A 380 35.35 -2.18 0.62
N VAL A 381 34.30 -1.84 1.42
CA VAL A 381 32.89 -2.13 1.10
C VAL A 381 32.38 -1.32 -0.10
N PHE A 382 32.98 -0.12 -0.35
CA PHE A 382 32.64 0.77 -1.45
C PHE A 382 33.38 0.49 -2.76
N ASP A 383 34.16 -0.62 -2.85
CA ASP A 383 34.93 -0.97 -4.06
C ASP A 383 34.08 -1.10 -5.32
N TYR A 384 32.89 -1.70 -5.22
CA TYR A 384 31.93 -1.84 -6.32
C TYR A 384 31.65 -0.48 -7.02
N GLN A 385 31.76 0.65 -6.29
CA GLN A 385 31.57 1.98 -6.85
C GLN A 385 32.73 2.40 -7.75
N LEU A 386 33.95 1.86 -7.50
CA LEU A 386 35.14 2.13 -8.32
C LEU A 386 35.02 1.33 -9.61
N TYR A 387 34.48 0.10 -9.53
CA TYR A 387 34.20 -0.79 -10.65
C TYR A 387 33.18 -0.11 -11.60
N PHE A 388 32.29 0.72 -11.03
CA PHE A 388 31.24 1.45 -11.76
C PHE A 388 31.76 2.69 -12.48
N GLN A 389 32.96 3.17 -12.13
CA GLN A 389 33.50 4.40 -12.71
C GLN A 389 33.71 4.46 -14.20
N GLU A 390 34.34 3.42 -14.78
CA GLU A 390 34.69 3.34 -16.21
C GLU A 390 33.47 3.07 -17.10
N PRO A 391 33.07 4.02 -17.97
CA PRO A 391 31.88 3.77 -18.80
C PRO A 391 31.97 2.53 -19.69
N GLY A 392 30.96 1.66 -19.56
CA GLY A 392 30.83 0.46 -20.38
C GLY A 392 31.09 -0.87 -19.69
N VAL A 393 32.07 -0.88 -18.78
CA VAL A 393 32.48 -2.11 -18.07
C VAL A 393 31.32 -2.73 -17.30
N ALA A 394 30.72 -1.97 -16.35
CA ALA A 394 29.61 -2.48 -15.54
C ALA A 394 28.33 -2.69 -16.36
N GLU A 395 28.06 -1.83 -17.39
CA GLU A 395 26.89 -2.01 -18.29
C GLU A 395 26.93 -3.40 -18.94
N ALA A 396 28.10 -3.78 -19.49
CA ALA A 396 28.33 -5.07 -20.17
C ALA A 396 27.99 -6.23 -19.26
N GLU A 397 28.54 -6.24 -18.04
CA GLU A 397 28.26 -7.30 -17.07
C GLU A 397 26.80 -7.31 -16.61
N LEU A 398 26.21 -6.13 -16.33
CA LEU A 398 24.84 -6.04 -15.81
C LEU A 398 23.77 -6.31 -16.86
N GLU A 399 24.01 -5.90 -18.11
CA GLU A 399 23.08 -6.13 -19.24
C GLU A 399 23.23 -7.50 -19.93
N GLN A 400 24.27 -8.26 -19.62
CA GLN A 400 24.53 -9.56 -20.23
C GLN A 400 23.36 -10.54 -20.15
N ASN A 401 22.81 -10.73 -18.96
CA ASN A 401 21.68 -11.59 -18.68
C ASN A 401 20.94 -10.88 -17.56
N LEU A 402 19.83 -10.19 -17.90
CA LEU A 402 19.00 -9.41 -16.95
C LEU A 402 18.41 -10.23 -15.81
N SER A 403 17.84 -11.40 -16.14
CA SER A 403 17.25 -12.31 -15.15
C SER A 403 18.29 -12.68 -14.07
N ARG A 404 19.53 -13.00 -14.48
CA ARG A 404 20.64 -13.36 -13.59
C ARG A 404 21.03 -12.13 -12.75
N THR A 405 21.12 -10.94 -13.38
CA THR A 405 21.46 -9.69 -12.68
C THR A 405 20.56 -9.47 -11.46
N PHE A 406 19.22 -9.48 -11.63
CA PHE A 406 18.27 -9.20 -10.54
C PHE A 406 18.11 -10.31 -9.56
N LYS A 407 18.22 -11.57 -10.04
CA LYS A 407 18.23 -12.75 -9.19
C LYS A 407 19.48 -12.78 -8.29
N SER A 408 20.65 -12.35 -8.80
CA SER A 408 21.89 -12.29 -8.02
C SER A 408 21.88 -11.11 -7.02
N LEU A 409 21.33 -9.96 -7.43
CA LEU A 409 21.30 -8.76 -6.59
C LEU A 409 20.25 -8.78 -5.50
N PHE A 410 19.00 -9.06 -5.85
CA PHE A 410 17.86 -8.99 -4.92
C PHE A 410 17.78 -10.21 -4.04
N ARG A 411 18.64 -10.26 -3.01
CA ARG A 411 18.70 -11.39 -2.08
C ARG A 411 18.77 -10.89 -0.65
N ALA A 412 18.21 -11.66 0.31
CA ALA A 412 18.28 -11.33 1.74
C ALA A 412 19.73 -11.53 2.24
N SER A 413 20.05 -10.97 3.44
CA SER A 413 21.39 -10.97 4.05
C SER A 413 22.15 -12.33 4.07
N ASP A 414 21.41 -13.42 4.29
CA ASP A 414 21.93 -14.79 4.33
C ASP A 414 22.14 -15.37 2.93
N GLU A 415 21.21 -15.11 2.01
CA GLU A 415 21.21 -15.61 0.64
C GLU A 415 22.28 -15.01 -0.23
N SER A 416 23.06 -14.06 0.30
CA SER A 416 24.04 -13.35 -0.50
C SER A 416 25.00 -14.26 -1.22
N VAL A 417 25.05 -14.03 -2.53
CA VAL A 417 25.74 -14.81 -3.54
C VAL A 417 26.95 -14.02 -4.08
N LEU A 418 26.99 -12.71 -3.76
CA LEU A 418 28.05 -11.80 -4.21
C LEU A 418 29.08 -11.49 -3.16
N SER A 419 30.33 -11.47 -3.60
CA SER A 419 31.47 -11.05 -2.81
C SER A 419 31.74 -9.66 -3.39
N MET A 420 31.58 -8.61 -2.56
CA MET A 420 31.80 -7.23 -3.01
C MET A 420 33.19 -6.74 -2.64
N HIS A 421 34.04 -7.67 -2.16
CA HIS A 421 35.42 -7.39 -1.80
C HIS A 421 36.26 -7.58 -3.03
N LYS A 422 36.94 -6.49 -3.41
CA LYS A 422 37.71 -6.38 -4.62
C LYS A 422 36.99 -6.93 -5.85
N VAL A 423 35.96 -6.19 -6.27
CA VAL A 423 35.12 -6.46 -7.42
C VAL A 423 35.95 -6.25 -8.68
N CYS A 424 36.76 -5.16 -8.71
CA CYS A 424 37.69 -4.82 -9.79
C CYS A 424 38.72 -5.93 -10.05
N GLU A 425 39.46 -6.36 -8.98
CA GLU A 425 40.49 -7.42 -9.04
C GLU A 425 39.89 -8.77 -9.51
N ALA A 426 38.67 -9.09 -9.02
CA ALA A 426 37.89 -10.27 -9.39
C ALA A 426 37.40 -10.14 -10.84
N GLY A 427 37.29 -8.89 -11.33
CA GLY A 427 36.88 -8.58 -12.68
C GLY A 427 35.40 -8.29 -12.90
N GLY A 428 34.58 -8.50 -11.88
CA GLY A 428 33.15 -8.25 -11.94
C GLY A 428 32.39 -8.62 -10.69
N LEU A 429 31.15 -8.14 -10.59
CA LEU A 429 30.24 -8.37 -9.47
C LEU A 429 29.80 -9.83 -9.37
N PHE A 430 29.55 -10.49 -10.53
CA PHE A 430 29.00 -11.84 -10.68
C PHE A 430 30.00 -12.97 -11.02
N VAL A 431 31.32 -12.72 -10.90
CA VAL A 431 32.37 -13.72 -11.21
C VAL A 431 32.28 -15.06 -10.43
N ASN A 432 31.79 -15.01 -9.16
CA ASN A 432 31.61 -16.20 -8.30
C ASN A 432 30.14 -16.50 -8.11
N SER A 433 29.27 -15.83 -8.89
CA SER A 433 27.82 -16.01 -8.83
C SER A 433 27.40 -17.08 -9.85
N PRO A 434 26.38 -17.91 -9.52
CA PRO A 434 25.92 -18.91 -10.49
C PRO A 434 25.29 -18.29 -11.74
N GLU A 435 25.23 -19.07 -12.84
CA GLU A 435 24.63 -18.62 -14.10
C GLU A 435 23.13 -18.54 -13.94
N GLU A 436 22.57 -19.49 -13.17
CA GLU A 436 21.15 -19.57 -12.91
C GLU A 436 20.93 -19.49 -11.40
N PRO A 437 21.01 -18.26 -10.80
CA PRO A 437 20.79 -18.13 -9.36
C PRO A 437 19.41 -18.61 -8.96
N SER A 438 19.31 -19.14 -7.73
CA SER A 438 18.05 -19.58 -7.18
C SER A 438 17.24 -18.32 -6.84
N LEU A 439 15.92 -18.47 -6.80
CA LEU A 439 15.03 -17.38 -6.48
C LEU A 439 15.10 -17.09 -4.97
N SER A 440 15.35 -15.83 -4.62
CA SER A 440 15.42 -15.39 -3.22
C SER A 440 14.01 -15.51 -2.62
N ARG A 441 13.90 -15.67 -1.29
CA ARG A 441 12.60 -15.76 -0.60
C ARG A 441 11.87 -14.40 -0.58
N MET A 442 12.60 -13.33 -0.93
CA MET A 442 12.09 -11.96 -0.98
C MET A 442 11.28 -11.69 -2.26
N VAL A 443 11.56 -12.43 -3.35
CA VAL A 443 10.97 -12.19 -4.68
C VAL A 443 10.37 -13.41 -5.38
N THR A 444 9.32 -13.17 -6.20
CA THR A 444 8.74 -14.22 -7.02
C THR A 444 9.43 -14.11 -8.39
N GLU A 445 9.23 -15.11 -9.26
CA GLU A 445 9.78 -15.14 -10.61
C GLU A 445 9.22 -13.98 -11.43
N GLU A 446 7.94 -13.68 -11.23
CA GLU A 446 7.14 -12.63 -11.88
C GLU A 446 7.68 -11.23 -11.55
N GLU A 447 7.95 -10.94 -10.26
CA GLU A 447 8.53 -9.69 -9.81
C GLU A 447 9.88 -9.45 -10.48
N ILE A 448 10.74 -10.51 -10.59
CA ILE A 448 12.03 -10.45 -11.30
C ILE A 448 11.77 -10.07 -12.76
N GLN A 449 10.79 -10.73 -13.41
CA GLN A 449 10.48 -10.49 -14.82
C GLN A 449 10.02 -9.06 -15.11
N PHE A 450 9.36 -8.41 -14.14
CA PHE A 450 8.98 -7.00 -14.25
C PHE A 450 10.25 -6.13 -14.32
N TYR A 451 11.23 -6.35 -13.42
CA TYR A 451 12.51 -5.62 -13.46
C TYR A 451 13.24 -5.90 -14.77
N VAL A 452 13.23 -7.17 -15.24
CA VAL A 452 13.85 -7.60 -16.50
C VAL A 452 13.28 -6.76 -17.67
N GLN A 453 11.93 -6.72 -17.81
CA GLN A 453 11.24 -5.97 -18.86
C GLN A 453 11.49 -4.46 -18.76
N GLN A 454 11.53 -3.92 -17.55
CA GLN A 454 11.80 -2.50 -17.30
C GLN A 454 13.17 -2.12 -17.80
N PHE A 455 14.21 -2.90 -17.45
CA PHE A 455 15.60 -2.64 -17.82
C PHE A 455 15.97 -2.91 -19.29
N LYS A 456 15.03 -3.52 -20.05
CA LYS A 456 15.19 -3.78 -21.47
C LYS A 456 15.11 -2.49 -22.28
N LYS A 457 14.42 -1.45 -21.75
CA LYS A 457 14.29 -0.18 -22.47
C LYS A 457 15.60 0.64 -22.56
N SER A 458 16.22 0.92 -21.42
CA SER A 458 17.40 1.79 -21.43
C SER A 458 18.67 1.16 -20.90
N GLY A 459 18.57 -0.03 -20.32
CA GLY A 459 19.71 -0.71 -19.74
C GLY A 459 20.27 0.00 -18.51
N PHE A 460 21.59 -0.13 -18.33
CA PHE A 460 22.29 0.31 -17.14
C PHE A 460 23.13 1.56 -17.23
N ARG A 461 23.24 2.20 -18.41
CA ARG A 461 24.03 3.42 -18.55
C ARG A 461 23.57 4.61 -17.64
N GLY A 462 22.31 5.02 -17.78
CA GLY A 462 21.71 6.13 -17.04
C GLY A 462 21.77 5.84 -15.56
N PRO A 463 21.29 4.65 -15.13
CA PRO A 463 21.45 4.22 -13.72
C PRO A 463 22.90 4.26 -13.17
N LEU A 464 23.89 3.75 -13.94
CA LEU A 464 25.30 3.75 -13.53
C LEU A 464 25.89 5.11 -13.46
N ASN A 465 25.39 6.05 -14.29
CA ASN A 465 25.83 7.45 -14.32
C ASN A 465 25.60 8.19 -13.02
N TRP A 466 24.68 7.69 -12.16
CA TRP A 466 24.39 8.26 -10.83
C TRP A 466 25.65 8.22 -9.95
N TYR A 467 26.55 7.21 -10.19
CA TYR A 467 27.83 6.98 -9.49
C TYR A 467 29.00 7.65 -10.18
N ARG A 468 28.77 8.26 -11.35
CA ARG A 468 29.86 8.83 -12.14
C ARG A 468 29.99 10.35 -12.04
N ASN A 469 29.44 10.91 -10.96
CA ASN A 469 29.47 12.35 -10.69
C ASN A 469 29.99 12.65 -9.30
N MET A 470 30.91 11.81 -8.77
N MET A 470 30.91 11.82 -8.77
CA MET A 470 31.49 11.96 -7.43
CA MET A 470 31.48 12.00 -7.41
C MET A 470 32.08 13.35 -7.17
C MET A 470 32.05 13.39 -7.20
N GLU A 471 32.90 13.86 -8.11
CA GLU A 471 33.54 15.18 -8.10
C GLU A 471 32.50 16.33 -8.21
N ARG A 472 31.52 16.23 -9.12
CA ARG A 472 30.47 17.25 -9.31
C ARG A 472 29.63 17.38 -8.03
N ASN A 473 29.19 16.25 -7.49
CA ASN A 473 28.36 16.15 -6.28
C ASN A 473 29.06 16.72 -5.10
N TRP A 474 30.36 16.37 -4.91
CA TRP A 474 31.19 16.84 -3.80
C TRP A 474 31.32 18.38 -3.82
N LYS A 475 31.63 18.96 -5.00
CA LYS A 475 31.71 20.41 -5.17
C LYS A 475 30.40 21.11 -4.79
N TRP A 476 29.25 20.59 -5.28
CA TRP A 476 27.93 21.13 -4.99
C TRP A 476 27.59 21.01 -3.51
N ALA A 477 27.88 19.85 -2.90
CA ALA A 477 27.61 19.56 -1.48
C ALA A 477 28.39 20.49 -0.53
N CYS A 478 29.62 20.88 -0.91
CA CYS A 478 30.48 21.79 -0.17
C CYS A 478 29.88 23.18 0.06
N LYS A 479 28.92 23.60 -0.78
CA LYS A 479 28.19 24.89 -0.66
C LYS A 479 27.23 24.84 0.53
N SER A 480 26.83 23.61 0.94
CA SER A 480 25.88 23.38 2.03
C SER A 480 26.58 23.11 3.38
N LEU A 481 27.92 23.18 3.40
CA LEU A 481 28.65 22.87 4.64
C LEU A 481 28.31 23.70 5.91
N GLY A 482 27.81 24.93 5.73
CA GLY A 482 27.38 25.76 6.85
C GLY A 482 25.92 25.57 7.26
N ARG A 483 25.17 24.73 6.53
CA ARG A 483 23.75 24.51 6.79
C ARG A 483 23.44 23.39 7.75
N LYS A 484 22.18 23.35 8.19
CA LYS A 484 21.64 22.28 9.01
C LYS A 484 20.29 21.89 8.46
N ILE A 485 19.91 20.62 8.64
CA ILE A 485 18.59 20.15 8.24
C ILE A 485 17.72 20.33 9.49
N LEU A 486 16.73 21.24 9.40
CA LEU A 486 15.87 21.61 10.53
C LEU A 486 14.40 21.38 10.27
N ILE A 487 14.11 20.75 9.12
CA ILE A 487 12.75 20.34 8.74
C ILE A 487 12.53 18.90 9.33
N PRO A 488 11.29 18.34 9.47
CA PRO A 488 11.17 16.98 10.03
C PRO A 488 11.92 15.97 9.16
N ALA A 489 12.69 15.09 9.82
CA ALA A 489 13.60 14.13 9.21
C ALA A 489 13.61 12.80 9.95
N LEU A 490 13.62 11.69 9.18
CA LEU A 490 13.64 10.32 9.68
C LEU A 490 14.76 9.53 9.03
N MET A 491 15.62 8.93 9.89
CA MET A 491 16.65 8.06 9.42
C MET A 491 16.30 6.61 9.77
N VAL A 492 16.20 5.71 8.78
CA VAL A 492 15.90 4.30 9.03
C VAL A 492 17.11 3.43 8.69
N THR A 493 17.70 2.80 9.72
CA THR A 493 18.86 1.92 9.53
C THR A 493 18.42 0.45 9.41
N ALA A 494 19.22 -0.35 8.70
CA ALA A 494 18.99 -1.76 8.46
C ALA A 494 20.24 -2.52 9.00
N GLU A 495 20.04 -3.30 10.07
CA GLU A 495 21.07 -4.06 10.81
C GLU A 495 22.09 -4.79 9.93
N LYS A 496 21.60 -5.48 8.90
CA LYS A 496 22.42 -6.30 8.03
C LYS A 496 22.82 -5.70 6.68
N ASP A 497 22.75 -4.35 6.54
CA ASP A 497 23.24 -3.72 5.32
C ASP A 497 24.75 -3.59 5.55
N PHE A 498 25.56 -4.38 4.82
CA PHE A 498 27.00 -4.42 5.01
C PHE A 498 27.80 -3.30 4.36
N VAL A 499 27.14 -2.51 3.52
CA VAL A 499 27.72 -1.35 2.85
C VAL A 499 27.21 -0.07 3.56
N LEU A 500 25.88 0.09 3.64
CA LEU A 500 25.23 1.23 4.29
C LEU A 500 24.94 0.81 5.73
N VAL A 501 26.04 0.57 6.49
CA VAL A 501 25.99 0.08 7.86
C VAL A 501 25.30 1.07 8.81
N PRO A 502 24.52 0.59 9.80
CA PRO A 502 23.84 1.52 10.72
C PRO A 502 24.75 2.53 11.38
N GLN A 503 25.99 2.10 11.71
CA GLN A 503 26.99 2.96 12.34
C GLN A 503 27.48 4.17 11.50
N MET A 504 27.24 4.17 10.18
CA MET A 504 27.60 5.30 9.30
C MET A 504 26.69 6.51 9.56
N SER A 505 25.55 6.27 10.21
CA SER A 505 24.55 7.29 10.50
C SER A 505 24.73 7.92 11.88
N GLN A 506 25.67 7.41 12.69
CA GLN A 506 25.94 7.82 14.08
C GLN A 506 26.16 9.31 14.39
N HIS A 507 26.73 10.08 13.45
CA HIS A 507 27.00 11.51 13.65
C HIS A 507 25.95 12.46 13.06
N MET A 508 24.89 11.93 12.45
CA MET A 508 23.82 12.68 11.79
C MET A 508 23.17 13.78 12.66
N GLU A 509 23.03 13.55 13.99
CA GLU A 509 22.45 14.55 14.92
C GLU A 509 23.22 15.87 14.99
N ASP A 510 24.50 15.87 14.58
CA ASP A 510 25.32 17.08 14.51
C ASP A 510 24.82 18.02 13.39
N TRP A 511 24.17 17.45 12.36
N TRP A 511 24.16 17.44 12.35
CA TRP A 511 23.68 18.19 11.20
CA TRP A 511 23.66 18.11 11.16
C TRP A 511 22.15 18.21 11.09
C TRP A 511 22.14 18.23 11.14
N ILE A 512 21.47 17.26 11.78
CA ILE A 512 20.01 17.16 11.83
C ILE A 512 19.65 17.00 13.34
N PRO A 513 19.75 18.07 14.19
CA PRO A 513 19.50 17.92 15.64
C PRO A 513 18.17 17.29 16.06
N HIS A 514 17.07 17.58 15.33
CA HIS A 514 15.73 17.07 15.65
C HIS A 514 15.39 15.73 14.96
N LEU A 515 16.39 15.08 14.34
CA LEU A 515 16.29 13.80 13.64
C LEU A 515 15.55 12.74 14.44
N LYS A 516 14.64 12.03 13.77
CA LYS A 516 13.94 10.87 14.33
C LYS A 516 14.57 9.63 13.70
N ARG A 517 14.46 8.50 14.38
CA ARG A 517 15.04 7.27 13.90
C ARG A 517 14.08 6.10 13.92
N GLY A 518 14.40 5.13 13.08
CA GLY A 518 13.79 3.82 12.98
C GLY A 518 14.94 2.85 12.79
N HIS A 519 14.77 1.61 13.26
CA HIS A 519 15.82 0.60 13.09
C HIS A 519 15.18 -0.71 12.78
N ILE A 520 15.68 -1.40 11.75
CA ILE A 520 15.13 -2.70 11.37
C ILE A 520 16.13 -3.83 11.54
N GLU A 521 15.78 -4.75 12.44
CA GLU A 521 16.57 -5.95 12.76
C GLU A 521 16.46 -6.90 11.58
N ASP A 522 17.53 -7.67 11.33
CA ASP A 522 17.62 -8.74 10.33
C ASP A 522 17.19 -8.29 8.89
N CYS A 523 17.52 -7.04 8.57
CA CYS A 523 17.17 -6.43 7.30
C CYS A 523 18.43 -6.12 6.51
N GLY A 524 18.49 -6.60 5.27
CA GLY A 524 19.60 -6.31 4.39
C GLY A 524 19.45 -4.96 3.69
N HIS A 525 20.14 -4.80 2.54
CA HIS A 525 20.12 -3.60 1.68
C HIS A 525 18.77 -3.29 1.01
N TRP A 526 18.03 -4.30 0.59
CA TRP A 526 16.75 -4.18 -0.11
C TRP A 526 15.62 -4.07 0.89
N THR A 527 15.68 -3.02 1.71
CA THR A 527 14.78 -2.73 2.83
C THR A 527 13.28 -2.92 2.61
N GLN A 528 12.73 -2.29 1.54
CA GLN A 528 11.30 -2.28 1.22
C GLN A 528 10.70 -3.67 1.02
N MET A 529 11.41 -4.60 0.38
CA MET A 529 10.93 -5.96 0.10
C MET A 529 11.43 -7.00 1.12
N ASP A 530 12.57 -6.69 1.79
CA ASP A 530 13.17 -7.52 2.86
C ASP A 530 12.23 -7.53 4.06
N LYS A 531 11.86 -6.32 4.53
CA LYS A 531 11.01 -6.12 5.70
C LYS A 531 9.84 -5.16 5.41
N PRO A 532 8.90 -5.50 4.48
CA PRO A 532 7.83 -4.54 4.13
C PRO A 532 6.95 -4.04 5.27
N THR A 533 6.45 -4.95 6.10
CA THR A 533 5.57 -4.69 7.26
C THR A 533 6.19 -3.67 8.23
N GLU A 534 7.47 -3.84 8.56
CA GLU A 534 8.16 -2.94 9.49
C GLU A 534 8.48 -1.59 8.91
N VAL A 535 8.86 -1.53 7.61
CA VAL A 535 9.09 -0.29 6.83
C VAL A 535 7.78 0.52 6.89
N ASN A 536 6.64 -0.12 6.58
CA ASN A 536 5.33 0.53 6.55
C ASN A 536 4.93 1.06 7.91
N GLN A 537 5.15 0.27 8.97
CA GLN A 537 4.84 0.65 10.34
C GLN A 537 5.68 1.88 10.76
N ILE A 538 6.99 1.87 10.50
CA ILE A 538 7.89 3.00 10.80
C ILE A 538 7.51 4.30 10.01
N LEU A 539 7.28 4.15 8.69
CA LEU A 539 6.93 5.30 7.85
C LEU A 539 5.58 5.86 8.20
N ILE A 540 4.55 4.98 8.41
CA ILE A 540 3.21 5.48 8.75
C ILE A 540 3.18 6.24 10.08
N LYS A 541 3.83 5.69 11.11
CA LYS A 541 3.94 6.32 12.42
C LYS A 541 4.63 7.71 12.36
N TRP A 542 5.73 7.81 11.62
CA TRP A 542 6.47 9.08 11.42
C TRP A 542 5.69 10.06 10.58
N LEU A 543 5.00 9.59 9.51
CA LEU A 543 4.16 10.47 8.69
C LEU A 543 3.02 11.06 9.51
N ASP A 544 2.31 10.23 10.30
CA ASP A 544 1.18 10.71 11.12
C ASP A 544 1.59 11.70 12.22
N SER A 545 2.82 11.59 12.77
CA SER A 545 3.30 12.50 13.81
C SER A 545 4.01 13.76 13.29
N ASP A 546 4.84 13.63 12.22
CA ASP A 546 5.68 14.72 11.68
C ASP A 546 5.32 15.38 10.34
N ALA A 547 4.55 14.70 9.49
CA ALA A 547 4.22 15.22 8.16
C ALA A 547 2.73 15.53 7.92
N ARG A 548 1.87 15.31 8.96
CA ARG A 548 0.41 15.50 8.95
C ARG A 548 -0.31 14.53 8.02
S DMS B . -13.91 -4.32 -7.19
O DMS B . -12.68 -4.65 -7.86
C1 DMS B . -14.68 -5.90 -6.65
C2 DMS B . -15.19 -3.55 -8.19
S DMS C . 7.41 -13.32 -2.16
O DMS C . 7.69 -12.25 -3.02
C1 DMS C . 7.93 -12.93 -0.48
C2 DMS C . 8.53 -14.67 -2.57
S SO4 D . 24.94 5.71 -2.12
O1 SO4 D . 25.24 5.04 -0.86
O2 SO4 D . 25.19 7.15 -2.01
O3 SO4 D . 25.81 5.17 -3.19
O4 SO4 D . 23.54 5.45 -2.46
C1 FCW E . 24.85 -2.32 -2.20
C2 FCW E . 24.81 -2.33 -0.83
C3 FCW E . 24.66 -3.55 -0.21
C4 FCW E . 24.54 -4.71 -0.93
C5 FCW E . 24.56 -4.69 -2.29
C6 FCW E . 24.73 -3.49 -2.95
C7 FCW E . 24.77 -3.51 -4.44
C8 FCW E . 23.66 -2.76 -5.16
C9 FCW E . 23.67 -3.15 -6.64
C10 FCW E . 25.06 -3.03 -7.28
C11 FCW E . 26.18 -3.69 -6.48
C12 FCW E . 26.15 -3.23 -5.04
C13 FCW E . 24.37 -5.90 -0.06
C14 FCW E . 24.49 -5.24 1.31
O15 FCW E . 24.46 -5.87 2.38
N16 FCW E . 24.61 -3.85 1.14
#